data_2XL2
#
_entry.id   2XL2
#
_cell.length_a   47.440
_cell.length_b   81.260
_cell.length_c   87.520
_cell.angle_alpha   90.00
_cell.angle_beta   93.12
_cell.angle_gamma   90.00
#
_symmetry.space_group_name_H-M   'P 1 21 1'
#
loop_
_entity.id
_entity.type
_entity.pdbx_description
1 polymer 'WD REPEAT-CONTAINING PROTEIN 5'
2 polymer 'RETINOBLASTOMA-BINDING PROTEIN 5'
3 non-polymer GLYCEROL
4 water water
#
loop_
_entity_poly.entity_id
_entity_poly.type
_entity_poly.pdbx_seq_one_letter_code
_entity_poly.pdbx_strand_id
1 'polypeptide(L)'
;MATEEKKPETEAARAQPTPSSSATQSKPTPVKPNYALKFTLAGHTKAVSSVKFSPNGEWLASSSADKLIKIWGAYDGKFE
KTISGHKLGISDVAWSSDSNLLVSASDDKTLKIWDVSSGKCLKTLKGHSNYVFCCNFNPQSNLIVSGSFDESVRIWDVKT
GKCLKTLPAHSDPVSAVHFNRDGSLIVSSSYDGLCRIWDTASGQCLKTLIDDDNPPVSFVKFSPNGKYILAATLDNTLKL
WDYSKGKCLKTYTGHKNEKYCIFANFSVTGGKWIVSGSEDNLVYIWNLQTKEIVQKLQGHTDVVISTACHPTENIIASAA
LENDKTIKLWKSDC
;
A,B
2 'polypeptide(L)' YAAEDEEVDVTSVD C,D
#
# COMPACT_ATOMS: atom_id res chain seq x y z
N VAL A 31 8.91 33.05 -28.59
CA VAL A 31 8.75 32.34 -29.86
C VAL A 31 9.17 30.89 -29.72
N LYS A 32 10.11 30.63 -28.82
CA LYS A 32 10.54 29.27 -28.50
C LYS A 32 10.65 29.06 -27.00
N PRO A 33 10.35 27.83 -26.55
CA PRO A 33 10.55 27.49 -25.14
C PRO A 33 11.98 27.04 -24.91
N ASN A 34 12.43 27.05 -23.66
CA ASN A 34 13.77 26.57 -23.33
C ASN A 34 13.71 25.63 -22.14
N TYR A 35 12.93 24.57 -22.27
CA TYR A 35 12.84 23.58 -21.22
C TYR A 35 14.22 22.98 -21.01
N ALA A 36 14.63 22.88 -19.75
CA ALA A 36 15.88 22.21 -19.40
C ALA A 36 15.61 21.26 -18.25
N LEU A 37 16.38 20.17 -18.19
CA LEU A 37 16.22 19.16 -17.13
C LEU A 37 16.40 19.77 -15.76
N LYS A 38 15.47 19.48 -14.86
CA LYS A 38 15.60 19.90 -13.47
C LYS A 38 15.65 18.73 -12.49
N PHE A 39 14.84 17.70 -12.73
CA PHE A 39 14.79 16.58 -11.81
C PHE A 39 14.64 15.25 -12.50
N THR A 40 15.29 14.24 -11.94
CA THR A 40 15.10 12.87 -12.38
C THR A 40 14.54 12.04 -11.22
N LEU A 41 13.40 11.40 -11.44
CA LEU A 41 12.79 10.62 -10.40
C LEU A 41 13.00 9.11 -10.65
N ALA A 42 13.66 8.45 -9.70
CA ALA A 42 13.91 7.01 -9.81
C ALA A 42 13.18 6.25 -8.69
N GLY A 43 12.68 5.06 -9.00
CA GLY A 43 11.94 4.27 -8.04
C GLY A 43 11.30 3.03 -8.65
N HIS A 44 10.63 3.21 -9.80
CA HIS A 44 9.97 2.10 -10.50
C HIS A 44 10.98 1.08 -10.99
N THR A 45 10.64 -0.19 -10.87
CA THR A 45 11.58 -1.29 -11.13
C THR A 45 11.31 -1.98 -12.46
N LYS A 46 10.35 -1.44 -13.22
CA LYS A 46 10.07 -1.87 -14.59
C LYS A 46 9.51 -0.69 -15.36
N ALA A 47 9.30 -0.88 -16.66
CA ALA A 47 8.88 0.21 -17.55
C ALA A 47 7.86 1.12 -16.89
N VAL A 48 8.05 2.42 -17.02
CA VAL A 48 7.01 3.35 -16.60
C VAL A 48 5.97 3.36 -17.73
N SER A 49 4.72 3.68 -17.43
CA SER A 49 3.70 3.59 -18.44
C SER A 49 2.93 4.89 -18.64
N SER A 50 2.80 5.68 -17.58
CA SER A 50 2.14 6.98 -17.73
C SER A 50 2.41 7.93 -16.57
N VAL A 51 2.39 9.24 -16.86
CA VAL A 51 2.50 10.26 -15.82
C VAL A 51 1.38 11.28 -16.00
N LYS A 52 0.89 11.80 -14.88
CA LYS A 52 -0.21 12.74 -14.87
C LYS A 52 -0.01 13.75 -13.73
N PHE A 53 -0.19 15.04 -14.01
CA PHE A 53 -0.14 16.06 -12.98
C PHE A 53 -1.55 16.18 -12.37
N SER A 54 -1.62 16.15 -11.03
CA SER A 54 -2.91 16.33 -10.35
C SER A 54 -3.44 17.70 -10.70
N PRO A 55 -4.78 17.82 -10.82
CA PRO A 55 -5.28 19.12 -11.31
C PRO A 55 -4.82 20.29 -10.47
N ASN A 56 -4.71 20.11 -9.16
CA ASN A 56 -4.27 21.22 -8.32
C ASN A 56 -2.78 21.54 -8.52
N GLY A 57 -2.11 20.77 -9.38
CA GLY A 57 -0.72 21.01 -9.72
C GLY A 57 0.32 20.64 -8.68
N GLU A 58 -0.10 20.12 -7.52
CA GLU A 58 0.84 19.81 -6.44
C GLU A 58 1.62 18.52 -6.68
N TRP A 59 0.95 17.53 -7.25
CA TRP A 59 1.49 16.19 -7.38
C TRP A 59 1.59 15.65 -8.80
N LEU A 60 2.54 14.74 -8.97
CA LEU A 60 2.63 13.90 -10.15
C LEU A 60 2.38 12.45 -9.71
N ALA A 61 1.46 11.78 -10.40
CA ALA A 61 1.24 10.36 -10.20
C ALA A 61 1.81 9.60 -11.38
N SER A 62 2.33 8.41 -11.12
CA SER A 62 2.93 7.59 -12.15
C SER A 62 2.50 6.16 -11.97
N SER A 63 2.32 5.47 -13.09
CA SER A 63 1.99 4.05 -13.06
C SER A 63 3.07 3.28 -13.80
N SER A 64 3.27 2.01 -13.46
CA SER A 64 4.33 1.25 -14.08
C SER A 64 3.91 -0.17 -14.33
N ALA A 65 4.63 -0.83 -15.24
CA ALA A 65 4.50 -2.29 -15.40
C ALA A 65 4.87 -3.05 -14.13
N ASP A 66 5.50 -2.37 -13.17
CA ASP A 66 5.85 -3.01 -11.91
C ASP A 66 4.64 -3.05 -10.98
N LYS A 67 3.46 -2.82 -11.53
CA LYS A 67 2.23 -2.99 -10.78
C LYS A 67 1.94 -1.92 -9.75
N LEU A 68 2.84 -0.93 -9.64
CA LEU A 68 2.72 0.11 -8.63
C LEU A 68 2.27 1.46 -9.17
N ILE A 69 1.59 2.23 -8.34
CA ILE A 69 1.47 3.65 -8.57
C ILE A 69 2.39 4.36 -7.60
N LYS A 70 3.00 5.46 -8.06
CA LYS A 70 3.81 6.30 -7.19
C LYS A 70 3.41 7.77 -7.27
N ILE A 71 3.49 8.44 -6.13
CA ILE A 71 3.14 9.84 -6.02
C ILE A 71 4.42 10.61 -5.73
N TRP A 72 4.63 11.70 -6.47
CA TRP A 72 5.80 12.55 -6.33
C TRP A 72 5.40 14.03 -6.27
N GLY A 73 6.21 14.85 -5.61
CA GLY A 73 5.97 16.29 -5.59
C GLY A 73 6.15 16.92 -6.97
N ALA A 74 5.16 17.68 -7.42
CA ALA A 74 5.17 18.19 -8.81
C ALA A 74 6.26 19.20 -9.10
N TYR A 75 6.80 19.82 -8.04
CA TYR A 75 7.78 20.88 -8.23
C TYR A 75 9.21 20.46 -7.86
N ASP A 76 9.34 19.49 -6.97
CA ASP A 76 10.66 19.08 -6.50
C ASP A 76 10.99 17.62 -6.79
N GLY A 77 10.10 16.92 -7.50
CA GLY A 77 10.30 15.52 -7.83
C GLY A 77 10.56 14.64 -6.62
N LYS A 78 10.18 15.14 -5.44
CA LYS A 78 10.37 14.44 -4.18
C LYS A 78 9.32 13.35 -4.00
N PHE A 79 9.81 12.13 -3.82
CA PHE A 79 8.95 10.97 -3.63
C PHE A 79 8.02 11.11 -2.43
N GLU A 80 6.74 10.82 -2.65
CA GLU A 80 5.70 10.98 -1.64
C GLU A 80 5.30 9.62 -1.05
N LYS A 81 4.64 8.79 -1.86
CA LYS A 81 4.22 7.47 -1.42
C LYS A 81 4.10 6.46 -2.56
N THR A 82 4.02 5.19 -2.20
CA THR A 82 3.77 4.12 -3.14
C THR A 82 2.38 3.58 -2.87
N ILE A 83 1.60 3.35 -3.93
CA ILE A 83 0.25 2.78 -3.79
C ILE A 83 0.14 1.46 -4.53
N SER A 84 -0.32 0.42 -3.85
CA SER A 84 -0.30 -0.93 -4.42
C SER A 84 -1.58 -1.71 -4.16
N GLY A 85 -1.69 -2.85 -4.84
CA GLY A 85 -2.94 -3.61 -4.85
C GLY A 85 -3.19 -4.34 -6.16
N HIS A 86 -2.85 -3.73 -7.30
CA HIS A 86 -2.99 -4.43 -8.58
C HIS A 86 -2.18 -5.72 -8.61
N LYS A 87 -2.71 -6.71 -9.31
CA LYS A 87 -2.09 -8.02 -9.42
C LYS A 87 -1.18 -8.10 -10.65
N LEU A 88 -1.45 -7.27 -11.66
CA LEU A 88 -0.55 -7.18 -12.81
C LEU A 88 -0.16 -5.74 -13.11
N GLY A 89 0.64 -5.55 -14.15
CA GLY A 89 1.14 -4.23 -14.51
C GLY A 89 0.01 -3.26 -14.77
N ILE A 90 0.32 -1.96 -14.70
CA ILE A 90 -0.65 -0.89 -14.91
C ILE A 90 -0.26 -0.01 -16.09
N SER A 91 -1.21 0.22 -17.01
CA SER A 91 -0.96 0.98 -18.25
C SER A 91 -1.30 2.46 -18.17
N ASP A 92 -2.19 2.84 -17.26
CA ASP A 92 -2.64 4.22 -17.19
C ASP A 92 -3.10 4.56 -15.77
N VAL A 93 -3.00 5.83 -15.39
CA VAL A 93 -3.61 6.27 -14.16
C VAL A 93 -4.27 7.61 -14.44
N ALA A 94 -5.15 8.09 -13.56
CA ALA A 94 -5.81 9.37 -13.78
C ALA A 94 -6.45 9.98 -12.53
N TRP A 95 -6.36 11.30 -12.38
CA TRP A 95 -6.83 12.01 -11.19
C TRP A 95 -8.29 12.42 -11.29
N SER A 96 -8.98 12.51 -10.15
CA SER A 96 -10.26 13.18 -10.13
C SER A 96 -10.02 14.69 -10.12
N SER A 97 -11.07 15.46 -10.43
CA SER A 97 -10.94 16.90 -10.56
C SER A 97 -10.42 17.54 -9.28
N ASP A 98 -10.76 16.95 -8.13
CA ASP A 98 -10.33 17.49 -6.84
C ASP A 98 -8.98 16.96 -6.34
N SER A 99 -8.21 16.32 -7.22
CA SER A 99 -6.88 15.81 -6.84
C SER A 99 -6.84 14.78 -5.68
N ASN A 100 -8.00 14.34 -5.17
CA ASN A 100 -8.03 13.42 -4.04
C ASN A 100 -8.16 11.94 -4.38
N LEU A 101 -8.73 11.62 -5.54
CA LEU A 101 -8.85 10.23 -5.97
C LEU A 101 -8.01 9.92 -7.20
N LEU A 102 -7.81 8.64 -7.45
CA LEU A 102 -7.05 8.18 -8.61
C LEU A 102 -7.71 6.92 -9.15
N VAL A 103 -7.90 6.84 -10.47
CA VAL A 103 -8.30 5.60 -11.07
C VAL A 103 -7.10 5.02 -11.83
N SER A 104 -6.90 3.70 -11.77
CA SER A 104 -5.81 3.05 -12.48
C SER A 104 -6.35 1.89 -13.32
N ALA A 105 -5.67 1.59 -14.42
CA ALA A 105 -6.15 0.56 -15.34
C ALA A 105 -5.02 -0.42 -15.56
N SER A 106 -5.30 -1.71 -15.46
CA SER A 106 -4.21 -2.67 -15.41
C SER A 106 -4.48 -3.95 -16.17
N ASP A 107 -3.42 -4.70 -16.40
CA ASP A 107 -3.50 -5.96 -17.13
C ASP A 107 -4.27 -7.03 -16.37
N ASP A 108 -4.59 -6.77 -15.11
CA ASP A 108 -5.35 -7.74 -14.32
C ASP A 108 -6.84 -7.67 -14.65
N LYS A 109 -7.17 -7.00 -15.75
CA LYS A 109 -8.54 -6.90 -16.24
C LYS A 109 -9.47 -6.00 -15.41
N THR A 110 -8.89 -5.23 -14.47
CA THR A 110 -9.70 -4.34 -13.64
C THR A 110 -9.22 -2.90 -13.65
N LEU A 111 -10.08 -2.01 -13.16
CA LEU A 111 -9.66 -0.68 -12.74
C LEU A 111 -9.86 -0.58 -11.23
N LYS A 112 -9.02 0.20 -10.57
CA LYS A 112 -9.24 0.46 -9.16
C LYS A 112 -9.39 1.96 -8.93
N ILE A 113 -10.19 2.32 -7.93
CA ILE A 113 -10.31 3.70 -7.51
C ILE A 113 -9.66 3.84 -6.13
N TRP A 114 -8.86 4.87 -5.95
CA TRP A 114 -8.03 5.02 -4.76
C TRP A 114 -8.22 6.36 -4.06
N ASP A 115 -8.34 6.34 -2.73
CA ASP A 115 -8.24 7.54 -1.93
C ASP A 115 -6.77 7.85 -1.78
N VAL A 116 -6.31 8.97 -2.34
CA VAL A 116 -4.87 9.17 -2.41
C VAL A 116 -4.22 9.31 -1.04
N SER A 117 -4.80 10.14 -0.18
CA SER A 117 -4.15 10.48 1.08
C SER A 117 -4.07 9.30 2.05
N SER A 118 -5.06 8.40 1.98
CA SER A 118 -5.08 7.23 2.84
C SER A 118 -4.39 6.06 2.14
N GLY A 119 -4.47 6.05 0.82
CA GLY A 119 -3.90 4.97 0.03
C GLY A 119 -4.74 3.71 0.00
N LYS A 120 -6.02 3.81 0.35
CA LYS A 120 -6.89 2.64 0.32
C LYS A 120 -7.62 2.53 -1.00
N CYS A 121 -7.84 1.29 -1.41
CA CYS A 121 -8.64 1.01 -2.59
C CYS A 121 -10.11 1.11 -2.25
N LEU A 122 -10.76 2.17 -2.71
CA LEU A 122 -12.19 2.37 -2.50
C LEU A 122 -13.04 1.36 -3.27
N LYS A 123 -12.68 1.10 -4.52
CA LYS A 123 -13.45 0.20 -5.37
C LYS A 123 -12.56 -0.53 -6.37
N THR A 124 -12.96 -1.74 -6.75
CA THR A 124 -12.33 -2.44 -7.86
C THR A 124 -13.39 -2.62 -8.95
N LEU A 125 -13.11 -2.11 -10.14
CA LEU A 125 -14.10 -2.14 -11.22
C LEU A 125 -13.91 -3.37 -12.10
N LYS A 126 -14.88 -4.27 -12.07
CA LYS A 126 -14.79 -5.52 -12.82
C LYS A 126 -15.78 -5.59 -13.98
N GLY A 127 -15.30 -6.04 -15.14
CA GLY A 127 -16.15 -6.17 -16.30
C GLY A 127 -15.41 -6.45 -17.59
N HIS A 128 -14.29 -5.76 -17.80
CA HIS A 128 -13.49 -6.01 -18.99
C HIS A 128 -13.01 -7.45 -19.01
N SER A 129 -12.83 -8.00 -20.20
CA SER A 129 -12.43 -9.39 -20.33
C SER A 129 -11.01 -9.50 -20.86
N ASN A 130 -10.25 -8.42 -20.73
CA ASN A 130 -8.83 -8.43 -21.05
C ASN A 130 -8.23 -7.13 -20.56
N TYR A 131 -6.95 -6.88 -20.86
CA TYR A 131 -6.25 -5.74 -20.26
C TYR A 131 -7.07 -4.45 -20.38
N VAL A 132 -7.08 -3.66 -19.32
CA VAL A 132 -7.60 -2.29 -19.39
C VAL A 132 -6.43 -1.36 -19.67
N PHE A 133 -6.46 -0.66 -20.81
CA PHE A 133 -5.29 0.09 -21.30
CA PHE A 133 -5.32 0.09 -21.31
C PHE A 133 -5.30 1.58 -20.98
N CYS A 134 -6.45 2.13 -20.60
CA CYS A 134 -6.55 3.58 -20.44
C CYS A 134 -7.79 3.95 -19.63
N CYS A 135 -7.76 5.11 -18.97
CA CYS A 135 -8.90 5.52 -18.17
C CYS A 135 -8.88 7.02 -17.85
N ASN A 136 -9.97 7.51 -17.24
CA ASN A 136 -10.15 8.94 -17.02
C ASN A 136 -11.43 9.24 -16.27
N PHE A 137 -11.42 10.26 -15.43
CA PHE A 137 -12.63 10.78 -14.82
C PHE A 137 -13.30 11.78 -15.77
N ASN A 138 -14.61 11.95 -15.66
CA ASN A 138 -15.23 13.12 -16.27
C ASN A 138 -14.93 14.32 -15.39
N PRO A 139 -15.18 15.53 -15.89
CA PRO A 139 -14.87 16.70 -15.05
C PRO A 139 -15.69 16.72 -13.77
N GLN A 140 -16.91 16.20 -13.84
CA GLN A 140 -17.73 16.07 -12.65
C GLN A 140 -17.15 15.00 -11.72
N SER A 141 -16.48 14.04 -12.32
CA SER A 141 -15.77 12.98 -11.58
C SER A 141 -16.69 12.06 -10.82
N ASN A 142 -17.97 12.05 -11.20
CA ASN A 142 -18.90 11.04 -10.73
C ASN A 142 -18.88 9.84 -11.65
N LEU A 143 -18.22 10.00 -12.81
CA LEU A 143 -18.13 8.94 -13.81
C LEU A 143 -16.69 8.56 -14.13
N ILE A 144 -16.49 7.31 -14.53
CA ILE A 144 -15.20 6.92 -15.06
C ILE A 144 -15.32 6.17 -16.39
N VAL A 145 -14.48 6.55 -17.34
CA VAL A 145 -14.44 5.92 -18.64
C VAL A 145 -13.14 5.11 -18.82
N SER A 146 -13.26 3.93 -19.42
CA SER A 146 -12.13 3.05 -19.62
C SER A 146 -12.17 2.43 -21.01
N GLY A 147 -10.99 2.12 -21.53
CA GLY A 147 -10.87 1.40 -22.78
C GLY A 147 -10.00 0.19 -22.56
N SER A 148 -10.26 -0.86 -23.31
CA SER A 148 -9.70 -2.16 -23.02
C SER A 148 -9.19 -2.87 -24.28
N PHE A 149 -8.39 -3.89 -24.05
CA PHE A 149 -7.88 -4.74 -25.09
C PHE A 149 -9.05 -5.53 -25.65
N ASP A 150 -10.12 -5.67 -24.86
CA ASP A 150 -11.30 -6.41 -25.31
C ASP A 150 -12.11 -5.60 -26.30
N GLU A 151 -11.54 -4.49 -26.77
CA GLU A 151 -12.14 -3.68 -27.83
C GLU A 151 -13.35 -2.84 -27.37
N SER A 152 -13.63 -2.84 -26.07
CA SER A 152 -14.78 -2.08 -25.55
C SER A 152 -14.39 -0.80 -24.82
N VAL A 153 -15.35 0.13 -24.75
CA VAL A 153 -15.27 1.29 -23.87
C VAL A 153 -16.42 1.18 -22.85
N ARG A 154 -16.10 1.28 -21.57
CA ARG A 154 -17.10 1.17 -20.51
C ARG A 154 -17.22 2.47 -19.72
N ILE A 155 -18.41 2.75 -19.22
CA ILE A 155 -18.63 3.92 -18.38
C ILE A 155 -19.04 3.46 -17.00
N TRP A 156 -18.30 3.90 -15.98
CA TRP A 156 -18.52 3.39 -14.62
C TRP A 156 -18.98 4.49 -13.68
N ASP A 157 -19.81 4.10 -12.72
CA ASP A 157 -20.24 5.02 -11.66
C ASP A 157 -19.21 5.03 -10.53
N VAL A 158 -18.63 6.20 -10.24
CA VAL A 158 -17.61 6.29 -9.22
C VAL A 158 -18.09 5.74 -7.87
N LYS A 159 -19.26 6.18 -7.41
CA LYS A 159 -19.73 5.86 -6.05
C LYS A 159 -19.96 4.37 -5.81
N THR A 160 -20.64 3.72 -6.75
CA THR A 160 -21.02 2.31 -6.60
C THR A 160 -19.97 1.32 -7.12
N GLY A 161 -19.19 1.73 -8.12
CA GLY A 161 -18.27 0.83 -8.78
C GLY A 161 -18.91 0.08 -9.94
N LYS A 162 -20.19 0.37 -10.18
CA LYS A 162 -20.95 -0.39 -11.15
C LYS A 162 -20.74 0.15 -12.57
N CYS A 163 -20.64 -0.75 -13.54
CA CYS A 163 -20.53 -0.38 -14.94
C CYS A 163 -21.89 0.04 -15.49
N LEU A 164 -21.97 1.30 -15.90
CA LEU A 164 -23.24 1.87 -16.35
C LEU A 164 -23.59 1.53 -17.80
N LYS A 165 -22.61 1.67 -18.69
CA LYS A 165 -22.79 1.34 -20.11
C LYS A 165 -21.56 0.63 -20.63
N THR A 166 -21.76 -0.25 -21.60
CA THR A 166 -20.67 -0.89 -22.32
C THR A 166 -20.87 -0.54 -23.78
N LEU A 167 -19.96 0.25 -24.34
CA LEU A 167 -20.02 0.65 -25.74
C LEU A 167 -19.18 -0.26 -26.63
N PRO A 168 -19.76 -0.75 -27.74
CA PRO A 168 -19.07 -1.63 -28.69
C PRO A 168 -18.22 -0.77 -29.61
N ALA A 169 -17.18 -0.18 -29.04
CA ALA A 169 -16.52 0.97 -29.68
C ALA A 169 -15.63 0.66 -30.89
N HIS A 170 -14.95 -0.48 -30.87
CA HIS A 170 -13.95 -0.71 -31.89
C HIS A 170 -13.80 -2.19 -32.19
N SER A 171 -13.07 -2.48 -33.26
CA SER A 171 -12.81 -3.85 -33.66
C SER A 171 -11.33 -4.20 -33.40
N ASP A 172 -10.70 -3.42 -32.51
CA ASP A 172 -9.34 -3.69 -32.05
C ASP A 172 -9.10 -3.03 -30.69
N PRO A 173 -7.92 -3.24 -30.09
CA PRO A 173 -7.80 -2.68 -28.74
C PRO A 173 -7.94 -1.16 -28.74
N VAL A 174 -8.52 -0.64 -27.66
CA VAL A 174 -8.72 0.79 -27.47
C VAL A 174 -7.52 1.41 -26.78
N SER A 175 -6.92 2.40 -27.45
CA SER A 175 -5.64 2.96 -27.01
C SER A 175 -5.76 4.14 -26.04
N ALA A 176 -6.78 4.97 -26.23
CA ALA A 176 -7.00 6.08 -25.32
C ALA A 176 -8.50 6.34 -25.11
N VAL A 177 -8.87 7.05 -24.07
CA VAL A 177 -10.27 7.46 -23.87
C VAL A 177 -10.27 8.71 -23.03
N HIS A 178 -11.19 9.63 -23.31
CA HIS A 178 -11.13 10.96 -22.73
C HIS A 178 -12.51 11.66 -22.79
N PHE A 179 -12.85 12.42 -21.75
CA PHE A 179 -14.07 13.20 -21.73
C PHE A 179 -13.73 14.59 -22.20
N ASN A 180 -14.67 15.26 -22.85
CA ASN A 180 -14.45 16.66 -23.19
C ASN A 180 -14.70 17.53 -21.98
N ARG A 181 -14.51 18.84 -22.16
CA ARG A 181 -14.51 19.78 -21.05
C ARG A 181 -15.73 19.69 -20.13
N ASP A 182 -16.81 19.08 -20.59
CA ASP A 182 -18.04 19.10 -19.80
C ASP A 182 -18.67 17.74 -19.61
N GLY A 183 -17.98 16.69 -20.02
CA GLY A 183 -18.41 15.33 -19.75
C GLY A 183 -19.49 14.83 -20.70
N SER A 184 -19.98 15.70 -21.57
CA SER A 184 -21.06 15.35 -22.49
C SER A 184 -20.55 14.39 -23.56
N LEU A 185 -19.30 14.57 -23.97
CA LEU A 185 -18.71 13.74 -25.00
C LEU A 185 -17.53 12.93 -24.50
N ILE A 186 -17.41 11.71 -25.02
CA ILE A 186 -16.22 10.90 -24.86
C ILE A 186 -15.61 10.71 -26.24
N VAL A 187 -14.30 10.87 -26.33
CA VAL A 187 -13.58 10.50 -27.54
C VAL A 187 -12.77 9.23 -27.27
N SER A 188 -12.58 8.41 -28.29
CA SER A 188 -11.85 7.14 -28.13
C SER A 188 -11.04 6.80 -29.37
N SER A 189 -9.89 6.16 -29.17
CA SER A 189 -9.00 5.84 -30.28
C SER A 189 -8.69 4.37 -30.23
N SER A 190 -8.30 3.78 -31.36
CA SER A 190 -8.07 2.34 -31.43
C SER A 190 -7.07 1.90 -32.50
N TYR A 191 -6.52 0.72 -32.33
CA TYR A 191 -5.62 0.20 -33.35
C TYR A 191 -6.37 -0.06 -34.65
N ASP A 192 -7.70 -0.11 -34.58
CA ASP A 192 -8.50 -0.38 -35.77
C ASP A 192 -8.44 0.78 -36.76
N GLY A 193 -7.90 1.92 -36.31
CA GLY A 193 -7.64 3.03 -37.21
C GLY A 193 -8.57 4.21 -36.99
N LEU A 194 -9.50 4.05 -36.06
CA LEU A 194 -10.57 5.03 -35.88
C LEU A 194 -10.45 5.85 -34.62
N CYS A 195 -10.95 7.08 -34.69
CA CYS A 195 -11.30 7.86 -33.50
C CYS A 195 -12.80 8.01 -33.57
N ARG A 196 -13.47 7.85 -32.43
CA ARG A 196 -14.93 7.96 -32.39
C ARG A 196 -15.36 8.89 -31.28
N ILE A 197 -16.40 9.67 -31.55
CA ILE A 197 -16.96 10.53 -30.54
C ILE A 197 -18.29 9.93 -30.09
N TRP A 198 -18.46 9.83 -28.78
CA TRP A 198 -19.63 9.22 -28.18
C TRP A 198 -20.37 10.22 -27.31
N ASP A 199 -21.70 10.15 -27.34
CA ASP A 199 -22.52 10.90 -26.42
C ASP A 199 -22.58 10.19 -25.06
N THR A 200 -22.04 10.82 -24.03
CA THR A 200 -22.00 10.21 -22.70
C THR A 200 -23.38 9.78 -22.20
N ALA A 201 -24.38 10.63 -22.37
CA ALA A 201 -25.72 10.34 -21.86
C ALA A 201 -26.27 9.04 -22.42
N SER A 202 -26.26 8.92 -23.74
CA SER A 202 -26.93 7.83 -24.43
C SER A 202 -26.02 6.68 -24.83
N GLY A 203 -24.73 6.95 -24.85
CA GLY A 203 -23.78 5.95 -25.31
C GLY A 203 -23.82 5.77 -26.82
N GLN A 204 -24.25 6.83 -27.52
CA GLN A 204 -24.37 6.77 -28.97
C GLN A 204 -23.17 7.31 -29.71
N CYS A 205 -22.78 6.62 -30.76
CA CYS A 205 -21.67 7.05 -31.58
C CYS A 205 -22.10 8.24 -32.41
N LEU A 206 -21.56 9.43 -32.10
CA LEU A 206 -21.84 10.64 -32.87
C LEU A 206 -20.99 10.85 -34.12
N LYS A 207 -19.74 10.40 -34.10
CA LYS A 207 -18.82 10.61 -35.22
C LYS A 207 -17.71 9.57 -35.32
N THR A 208 -17.33 9.24 -36.55
CA THR A 208 -16.18 8.40 -36.80
C THR A 208 -15.21 9.12 -37.70
N LEU A 209 -14.00 9.35 -37.20
CA LEU A 209 -12.99 10.10 -37.92
C LEU A 209 -12.27 9.21 -38.91
N ILE A 210 -12.38 9.59 -40.18
CA ILE A 210 -11.76 8.84 -41.26
C ILE A 210 -10.74 9.71 -41.97
N ASP A 211 -9.52 9.21 -42.03
CA ASP A 211 -8.47 9.89 -42.77
C ASP A 211 -8.38 9.22 -44.12
N ASP A 212 -7.20 9.28 -44.74
CA ASP A 212 -7.02 8.71 -46.06
C ASP A 212 -6.58 7.26 -45.98
N ASP A 213 -5.88 6.92 -44.91
CA ASP A 213 -5.25 5.60 -44.84
C ASP A 213 -5.50 4.87 -43.53
N ASN A 214 -6.18 5.53 -42.60
CA ASN A 214 -6.51 4.92 -41.30
C ASN A 214 -5.42 4.05 -40.63
N PRO A 215 -4.26 4.65 -40.32
CA PRO A 215 -3.22 3.97 -39.52
C PRO A 215 -3.73 3.70 -38.10
N PRO A 216 -3.23 2.64 -37.46
CA PRO A 216 -3.61 2.41 -36.06
C PRO A 216 -3.50 3.70 -35.28
N VAL A 217 -4.53 4.05 -34.52
CA VAL A 217 -4.49 5.26 -33.69
C VAL A 217 -4.10 4.88 -32.25
N SER A 218 -2.97 5.41 -31.81
CA SER A 218 -2.38 4.97 -30.56
C SER A 218 -2.61 5.94 -29.40
N PHE A 219 -3.21 7.07 -29.70
CA PHE A 219 -3.54 8.01 -28.65
C PHE A 219 -4.52 9.05 -29.15
N VAL A 220 -5.43 9.48 -28.26
CA VAL A 220 -6.27 10.61 -28.58
C VAL A 220 -6.68 11.41 -27.33
N LYS A 221 -6.81 12.72 -27.48
CA LYS A 221 -7.40 13.54 -26.40
C LYS A 221 -7.99 14.84 -26.94
N PHE A 222 -8.98 15.36 -26.20
CA PHE A 222 -9.54 16.68 -26.49
C PHE A 222 -8.57 17.81 -26.14
N SER A 223 -8.72 18.92 -26.87
CA SER A 223 -8.10 20.18 -26.52
C SER A 223 -8.86 20.69 -25.32
N PRO A 224 -8.28 21.66 -24.60
CA PRO A 224 -8.90 22.12 -23.35
C PRO A 224 -10.30 22.71 -23.53
N ASN A 225 -10.57 23.31 -24.68
CA ASN A 225 -11.90 23.87 -24.90
C ASN A 225 -12.84 22.81 -25.45
N GLY A 226 -12.27 21.67 -25.84
CA GLY A 226 -13.07 20.53 -26.27
C GLY A 226 -13.54 20.65 -27.70
N LYS A 227 -12.96 21.59 -28.44
CA LYS A 227 -13.38 21.84 -29.81
C LYS A 227 -12.57 21.02 -30.80
N TYR A 228 -11.33 20.73 -30.43
CA TYR A 228 -10.43 19.97 -31.30
C TYR A 228 -9.99 18.71 -30.59
N ILE A 229 -9.43 17.77 -31.35
CA ILE A 229 -8.91 16.54 -30.77
C ILE A 229 -7.53 16.24 -31.35
N LEU A 230 -6.60 15.88 -30.48
CA LEU A 230 -5.26 15.54 -30.91
C LEU A 230 -5.17 14.04 -30.96
N ALA A 231 -4.72 13.48 -32.08
CA ALA A 231 -4.55 12.04 -32.19
C ALA A 231 -3.18 11.69 -32.74
N ALA A 232 -2.68 10.52 -32.35
CA ALA A 232 -1.37 10.06 -32.81
C ALA A 232 -1.54 8.80 -33.60
N THR A 233 -0.80 8.66 -34.69
CA THR A 233 -0.91 7.44 -35.48
C THR A 233 0.44 6.77 -35.60
N LEU A 234 0.41 5.44 -35.65
CA LEU A 234 1.63 4.65 -35.69
C LEU A 234 2.35 4.74 -37.04
N ASP A 235 2.29 5.93 -37.65
CA ASP A 235 3.09 6.22 -38.83
C ASP A 235 3.79 7.55 -38.63
N ASN A 236 4.27 7.77 -37.41
CA ASN A 236 5.13 8.92 -37.10
C ASN A 236 4.43 10.27 -37.24
N THR A 237 3.12 10.27 -36.99
CA THR A 237 2.31 11.45 -37.24
C THR A 237 1.38 11.75 -36.08
N LEU A 238 1.33 13.02 -35.71
CA LEU A 238 0.28 13.57 -34.85
C LEU A 238 -0.58 14.51 -35.70
N LYS A 239 -1.89 14.52 -35.45
CA LYS A 239 -2.80 15.37 -36.21
C LYS A 239 -3.74 16.12 -35.27
N LEU A 240 -4.07 17.36 -35.64
CA LEU A 240 -5.10 18.11 -34.94
C LEU A 240 -6.39 18.15 -35.79
N TRP A 241 -7.49 17.67 -35.22
CA TRP A 241 -8.74 17.57 -35.98
C TRP A 241 -9.79 18.53 -35.47
N ASP A 242 -10.54 19.16 -36.38
CA ASP A 242 -11.78 19.83 -36.01
C ASP A 242 -12.85 18.77 -35.92
N TYR A 243 -13.22 18.41 -34.69
CA TYR A 243 -14.07 17.23 -34.47
C TYR A 243 -15.46 17.32 -35.16
N SER A 244 -16.10 18.50 -35.12
CA SER A 244 -17.39 18.68 -35.77
C SER A 244 -17.30 18.50 -37.31
N LYS A 245 -16.60 19.43 -37.97
CA LYS A 245 -16.36 19.35 -39.42
C LYS A 245 -15.68 18.04 -39.82
N GLY A 246 -15.17 17.31 -38.84
CA GLY A 246 -14.38 16.13 -39.11
C GLY A 246 -13.27 16.45 -40.08
N LYS A 247 -12.56 17.55 -39.81
CA LYS A 247 -11.49 18.01 -40.70
C LYS A 247 -10.13 18.07 -40.02
N CYS A 248 -9.18 17.30 -40.54
CA CYS A 248 -7.79 17.41 -40.09
C CYS A 248 -7.25 18.79 -40.51
N LEU A 249 -6.37 19.37 -39.68
CA LEU A 249 -5.93 20.74 -39.90
C LEU A 249 -4.41 20.88 -39.85
N LYS A 250 -3.88 20.84 -38.64
CA LYS A 250 -2.45 20.84 -38.45
C LYS A 250 -1.92 19.41 -38.45
N THR A 251 -0.65 19.29 -38.82
CA THR A 251 0.00 17.99 -38.80
C THR A 251 1.40 18.20 -38.23
N TYR A 252 1.82 17.30 -37.36
CA TYR A 252 3.12 17.42 -36.72
C TYR A 252 3.91 16.13 -36.93
N THR A 253 5.08 16.25 -37.51
CA THR A 253 5.93 15.09 -37.74
C THR A 253 7.38 15.43 -37.37
N GLY A 254 8.27 14.47 -37.60
CA GLY A 254 9.67 14.67 -37.27
C GLY A 254 10.11 13.72 -36.18
N HIS A 255 9.19 13.37 -35.28
CA HIS A 255 9.46 12.46 -34.17
C HIS A 255 9.32 11.02 -34.65
N LYS A 256 9.28 10.09 -33.70
CA LYS A 256 9.21 8.68 -34.08
C LYS A 256 8.18 7.88 -33.28
N ASN A 257 7.17 7.36 -33.97
CA ASN A 257 6.10 6.60 -33.31
C ASN A 257 5.51 5.54 -34.24
N GLU A 258 5.88 4.29 -34.02
CA GLU A 258 5.48 3.22 -34.93
C GLU A 258 5.14 1.94 -34.20
N LYS A 259 5.22 1.97 -32.88
CA LYS A 259 4.97 0.75 -32.11
C LYS A 259 4.24 0.98 -30.77
N TYR A 260 4.62 2.04 -30.07
CA TYR A 260 4.06 2.26 -28.75
C TYR A 260 3.04 3.38 -28.74
N CYS A 261 2.08 3.27 -27.84
CA CYS A 261 1.12 4.33 -27.59
C CYS A 261 1.75 5.38 -26.69
N ILE A 262 2.17 6.47 -27.32
CA ILE A 262 2.84 7.57 -26.64
C ILE A 262 1.83 8.68 -26.36
N PHE A 263 1.69 9.05 -25.09
CA PHE A 263 0.80 10.12 -24.70
C PHE A 263 1.33 11.47 -25.20
N ALA A 264 0.46 12.30 -25.76
CA ALA A 264 0.85 13.63 -26.24
C ALA A 264 0.00 14.72 -25.60
N ASN A 265 0.41 15.96 -25.73
CA ASN A 265 -0.24 17.04 -24.99
C ASN A 265 -0.39 18.38 -25.71
N PHE A 266 -1.38 19.15 -25.27
CA PHE A 266 -1.45 20.57 -25.55
C PHE A 266 -0.74 21.25 -24.39
N SER A 267 0.27 22.05 -24.71
CA SER A 267 0.95 22.82 -23.69
C SER A 267 0.53 24.26 -23.87
N VAL A 268 -0.04 24.87 -22.82
CA VAL A 268 -0.68 26.16 -23.02
C VAL A 268 -0.45 27.14 -21.87
N THR A 269 0.54 26.88 -21.04
CA THR A 269 0.76 27.72 -19.87
C THR A 269 1.64 28.91 -20.21
N GLY A 270 2.50 28.73 -21.21
CA GLY A 270 3.35 29.78 -21.71
C GLY A 270 2.94 30.05 -23.14
N GLY A 271 3.77 29.62 -24.09
CA GLY A 271 3.38 29.68 -25.48
C GLY A 271 2.30 28.66 -25.76
N LYS A 272 2.14 28.27 -27.01
CA LYS A 272 1.24 27.17 -27.35
C LYS A 272 2.02 26.11 -28.12
N TRP A 273 2.20 24.94 -27.52
CA TRP A 273 2.98 23.89 -28.15
C TRP A 273 2.30 22.52 -28.09
N ILE A 274 2.92 21.56 -28.78
CA ILE A 274 2.49 20.18 -28.73
C ILE A 274 3.66 19.33 -28.29
N VAL A 275 3.49 18.66 -27.15
CA VAL A 275 4.54 17.86 -26.55
C VAL A 275 4.24 16.40 -26.81
N SER A 276 5.23 15.62 -27.23
CA SER A 276 5.05 14.18 -27.35
C SER A 276 6.28 13.39 -26.92
N GLY A 277 6.06 12.21 -26.35
CA GLY A 277 7.14 11.26 -26.19
C GLY A 277 7.63 10.87 -27.58
N SER A 278 8.61 9.97 -27.67
CA SER A 278 9.14 9.52 -28.95
C SER A 278 10.06 8.32 -28.82
N GLU A 279 9.92 7.38 -29.75
CA GLU A 279 10.71 6.15 -29.73
C GLU A 279 12.20 6.38 -30.02
N ASP A 280 12.61 7.63 -30.16
CA ASP A 280 14.04 7.91 -30.25
C ASP A 280 14.60 8.50 -28.96
N ASN A 281 13.90 8.25 -27.85
CA ASN A 281 14.42 8.63 -26.55
C ASN A 281 14.34 10.14 -26.31
N LEU A 282 13.89 10.89 -27.30
CA LEU A 282 13.73 12.34 -27.14
C LEU A 282 12.30 12.75 -26.84
N VAL A 283 12.14 13.88 -26.13
CA VAL A 283 10.85 14.56 -26.02
C VAL A 283 10.81 15.65 -27.08
N TYR A 284 9.77 15.65 -27.93
CA TYR A 284 9.67 16.64 -29.01
C TYR A 284 8.68 17.75 -28.66
N ILE A 285 9.03 18.98 -29.00
CA ILE A 285 8.10 20.09 -28.81
C ILE A 285 7.81 20.84 -30.12
N TRP A 286 6.54 21.11 -30.41
CA TRP A 286 6.15 21.78 -31.66
C TRP A 286 5.51 23.14 -31.44
N ASN A 287 5.66 24.04 -32.40
CA ASN A 287 4.85 25.24 -32.41
C ASN A 287 3.46 24.81 -32.85
N LEU A 288 2.45 25.12 -32.04
CA LEU A 288 1.08 24.68 -32.35
C LEU A 288 0.67 25.09 -33.77
N GLN A 289 0.98 26.33 -34.13
CA GLN A 289 0.52 26.92 -35.39
C GLN A 289 1.38 26.56 -36.60
N THR A 290 2.68 26.81 -36.51
CA THR A 290 3.57 26.54 -37.63
C THR A 290 3.79 25.05 -37.89
N LYS A 291 3.63 24.25 -36.85
CA LYS A 291 3.92 22.81 -36.92
C LYS A 291 5.42 22.55 -37.05
N GLU A 292 6.23 23.54 -36.68
CA GLU A 292 7.68 23.35 -36.67
C GLU A 292 8.17 22.90 -35.30
N ILE A 293 9.18 22.04 -35.31
CA ILE A 293 9.83 21.62 -34.08
C ILE A 293 10.56 22.79 -33.45
N VAL A 294 10.15 23.17 -32.24
CA VAL A 294 10.80 24.28 -31.54
C VAL A 294 11.75 23.82 -30.43
N GLN A 295 11.74 22.52 -30.11
CA GLN A 295 12.69 21.98 -29.13
C GLN A 295 12.71 20.45 -29.07
N LYS A 296 13.84 19.87 -28.70
CA LYS A 296 13.91 18.43 -28.48
C LYS A 296 14.77 18.13 -27.27
N LEU A 297 14.17 17.52 -26.25
CA LEU A 297 14.81 17.33 -24.96
C LEU A 297 15.55 16.00 -24.83
N GLN A 298 16.87 16.07 -24.75
CA GLN A 298 17.69 14.87 -24.55
C GLN A 298 17.84 14.53 -23.07
N GLY A 299 18.03 13.25 -22.77
CA GLY A 299 18.21 12.81 -21.40
C GLY A 299 17.82 11.36 -21.16
N HIS A 300 16.72 10.90 -21.73
CA HIS A 300 16.28 9.53 -21.48
C HIS A 300 17.12 8.52 -22.27
N THR A 301 16.95 7.24 -21.94
CA THR A 301 17.80 6.21 -22.51
C THR A 301 16.96 5.09 -23.07
N ASP A 302 15.64 5.31 -23.08
CA ASP A 302 14.71 4.41 -23.75
C ASP A 302 13.49 5.19 -24.23
N VAL A 303 12.62 4.51 -24.97
CA VAL A 303 11.43 5.13 -25.52
C VAL A 303 10.76 6.03 -24.49
N VAL A 304 10.37 7.22 -24.92
CA VAL A 304 9.61 8.10 -24.04
C VAL A 304 8.12 7.88 -24.30
N ILE A 305 7.50 7.18 -23.36
CA ILE A 305 6.18 6.59 -23.54
C ILE A 305 5.05 7.55 -23.22
N SER A 306 5.35 8.58 -22.44
CA SER A 306 4.32 9.43 -21.88
C SER A 306 4.87 10.77 -21.40
N THR A 307 4.09 11.82 -21.62
CA THR A 307 4.44 13.15 -21.16
C THR A 307 3.23 13.83 -20.55
N ALA A 308 3.47 14.79 -19.66
CA ALA A 308 2.35 15.59 -19.18
C ALA A 308 2.78 17.01 -18.96
N CYS A 309 1.80 17.91 -18.90
CA CYS A 309 2.07 19.34 -18.76
C CYS A 309 1.38 19.87 -17.52
N HIS A 310 2.13 20.62 -16.72
CA HIS A 310 1.62 21.17 -15.47
C HIS A 310 0.48 22.14 -15.76
N PRO A 311 -0.58 22.11 -14.94
CA PRO A 311 -1.78 22.90 -15.23
C PRO A 311 -1.52 24.40 -15.28
N THR A 312 -0.51 24.88 -14.54
CA THR A 312 -0.29 26.32 -14.43
C THR A 312 1.13 26.77 -14.75
N GLU A 313 2.11 25.95 -14.38
CA GLU A 313 3.52 26.25 -14.61
C GLU A 313 4.05 25.64 -15.91
N ASN A 314 5.09 26.26 -16.46
CA ASN A 314 5.76 25.70 -17.63
C ASN A 314 6.62 24.49 -17.27
N ILE A 315 5.98 23.47 -16.71
CA ILE A 315 6.71 22.25 -16.35
C ILE A 315 6.20 21.08 -17.17
N ILE A 316 7.14 20.29 -17.68
CA ILE A 316 6.83 19.09 -18.41
C ILE A 316 7.36 17.85 -17.69
N ALA A 317 6.50 16.85 -17.52
CA ALA A 317 6.93 15.58 -16.94
C ALA A 317 7.03 14.50 -18.03
N SER A 318 8.15 13.77 -18.04
CA SER A 318 8.34 12.70 -19.03
C SER A 318 8.71 11.38 -18.37
N ALA A 319 8.39 10.26 -19.01
CA ALA A 319 8.66 8.96 -18.43
C ALA A 319 9.04 7.94 -19.50
N ALA A 320 9.81 6.92 -19.10
CA ALA A 320 10.48 6.05 -20.07
C ALA A 320 10.30 4.56 -19.81
N LEU A 321 10.61 3.78 -20.83
CA LEU A 321 10.38 2.34 -20.83
C LEU A 321 11.48 1.57 -20.10
N GLU A 322 11.46 0.25 -20.26
CA GLU A 322 12.18 -0.65 -19.37
C GLU A 322 13.67 -0.35 -19.13
N ASN A 323 14.38 0.05 -20.18
CA ASN A 323 15.83 0.27 -20.07
C ASN A 323 16.24 1.58 -19.40
N ASP A 324 15.25 2.37 -19.00
CA ASP A 324 15.51 3.64 -18.33
C ASP A 324 14.81 3.68 -16.97
N LYS A 325 13.49 3.51 -16.97
CA LYS A 325 12.68 3.47 -15.75
C LYS A 325 12.58 4.79 -14.98
N THR A 326 13.14 5.87 -15.52
CA THR A 326 13.09 7.16 -14.83
C THR A 326 12.05 8.13 -15.38
N ILE A 327 11.65 9.05 -14.51
CA ILE A 327 10.71 10.10 -14.80
C ILE A 327 11.46 11.41 -14.64
N LYS A 328 11.43 12.28 -15.65
CA LYS A 328 12.18 13.54 -15.62
C LYS A 328 11.25 14.72 -15.63
N LEU A 329 11.65 15.80 -14.97
CA LEU A 329 10.86 17.01 -14.92
C LEU A 329 11.68 18.16 -15.49
N TRP A 330 11.13 18.82 -16.51
CA TRP A 330 11.80 19.93 -17.18
C TRP A 330 10.96 21.19 -17.01
N LYS A 331 11.63 22.35 -17.02
CA LYS A 331 10.96 23.63 -16.81
C LYS A 331 11.50 24.66 -17.79
N SER A 332 10.66 25.62 -18.15
CA SER A 332 11.02 26.65 -19.11
C SER A 332 10.40 27.97 -18.71
N ASP A 333 10.89 29.06 -19.28
CA ASP A 333 10.35 30.38 -19.00
C ASP A 333 9.23 30.73 -19.98
N CYS A 334 9.38 30.27 -21.23
CA CYS A 334 8.38 30.50 -22.27
C CYS A 334 7.41 29.32 -22.34
N VAL B 31 -16.82 -14.97 38.48
CA VAL B 31 -15.88 -16.05 38.75
C VAL B 31 -15.37 -16.70 37.46
N LYS B 32 -16.21 -16.65 36.43
CA LYS B 32 -15.84 -17.15 35.10
C LYS B 32 -16.27 -16.17 34.01
N PRO B 33 -15.48 -16.09 32.94
CA PRO B 33 -15.88 -15.29 31.78
C PRO B 33 -16.76 -16.12 30.85
N ASN B 34 -17.48 -15.46 29.95
CA ASN B 34 -18.30 -16.15 28.99
C ASN B 34 -18.10 -15.55 27.61
N TYR B 35 -16.84 -15.53 27.17
CA TYR B 35 -16.53 -15.05 25.84
C TYR B 35 -17.28 -15.90 24.82
N ALA B 36 -17.94 -15.24 23.88
CA ALA B 36 -18.59 -15.93 22.77
C ALA B 36 -18.19 -15.28 21.45
N LEU B 37 -18.14 -16.07 20.37
CA LEU B 37 -17.77 -15.54 19.04
C LEU B 37 -18.68 -14.41 18.64
N LYS B 38 -18.11 -13.31 18.18
CA LYS B 38 -18.92 -12.24 17.63
C LYS B 38 -18.59 -11.93 16.16
N PHE B 39 -17.31 -11.98 15.81
CA PHE B 39 -16.91 -11.65 14.46
C PHE B 39 -15.79 -12.53 13.95
N THR B 40 -15.84 -12.83 12.66
CA THR B 40 -14.75 -13.51 11.96
C THR B 40 -14.22 -12.62 10.84
N LEU B 41 -12.92 -12.35 10.87
CA LEU B 41 -12.34 -11.48 9.87
C LEU B 41 -11.54 -12.28 8.84
N ALA B 42 -11.97 -12.22 7.57
CA ALA B 42 -11.28 -12.92 6.49
C ALA B 42 -10.65 -11.93 5.51
N GLY B 43 -9.47 -12.27 4.99
CA GLY B 43 -8.76 -11.39 4.07
C GLY B 43 -7.37 -11.89 3.74
N HIS B 44 -6.61 -12.30 4.77
CA HIS B 44 -5.24 -12.79 4.58
C HIS B 44 -5.23 -14.08 3.79
N THR B 45 -4.28 -14.22 2.89
CA THR B 45 -4.24 -15.33 1.96
C THR B 45 -3.22 -16.39 2.33
N LYS B 46 -2.56 -16.19 3.48
CA LYS B 46 -1.68 -17.19 4.07
C LYS B 46 -1.71 -17.04 5.59
N ALA B 47 -1.04 -17.95 6.29
CA ALA B 47 -1.04 -17.98 7.75
C ALA B 47 -1.05 -16.57 8.34
N VAL B 48 -1.92 -16.34 9.32
CA VAL B 48 -1.81 -15.12 10.09
C VAL B 48 -0.69 -15.33 11.10
N SER B 49 -0.05 -14.26 11.56
CA SER B 49 1.09 -14.46 12.45
C SER B 49 0.93 -13.73 13.77
N SER B 50 0.22 -12.61 13.78
CA SER B 50 0.03 -11.87 15.02
C SER B 50 -1.11 -10.86 14.96
N VAL B 51 -1.76 -10.60 16.09
CA VAL B 51 -2.78 -9.56 16.18
C VAL B 51 -2.52 -8.69 17.39
N LYS B 52 -2.81 -7.40 17.27
CA LYS B 52 -2.52 -6.43 18.31
C LYS B 52 -3.62 -5.35 18.32
N PHE B 53 -4.14 -5.02 19.49
CA PHE B 53 -5.11 -3.93 19.63
C PHE B 53 -4.33 -2.63 19.77
N SER B 54 -4.69 -1.61 18.99
CA SER B 54 -4.06 -0.31 19.12
C SER B 54 -4.36 0.23 20.52
N PRO B 55 -3.40 0.94 21.11
CA PRO B 55 -3.61 1.32 22.51
C PRO B 55 -4.94 2.06 22.72
N ASN B 56 -5.33 2.90 21.76
CA ASN B 56 -6.57 3.64 21.92
C ASN B 56 -7.80 2.76 21.78
N GLY B 57 -7.58 1.46 21.54
CA GLY B 57 -8.66 0.49 21.50
C GLY B 57 -9.56 0.52 20.27
N GLU B 58 -9.31 1.43 19.33
CA GLU B 58 -10.15 1.56 18.13
C GLU B 58 -9.88 0.49 17.07
N TRP B 59 -8.61 0.13 16.93
CA TRP B 59 -8.20 -0.74 15.84
C TRP B 59 -7.51 -2.03 16.27
N LEU B 60 -7.60 -3.00 15.38
CA LEU B 60 -6.81 -4.21 15.43
C LEU B 60 -5.92 -4.25 14.19
N ALA B 61 -4.62 -4.42 14.41
CA ALA B 61 -3.71 -4.65 13.31
C ALA B 61 -3.31 -6.12 13.25
N SER B 62 -3.10 -6.63 12.05
CA SER B 62 -2.70 -8.01 11.89
C SER B 62 -1.60 -8.12 10.87
N SER B 63 -0.70 -9.08 11.09
CA SER B 63 0.38 -9.34 10.15
C SER B 63 0.26 -10.79 9.67
N SER B 64 0.76 -11.09 8.48
CA SER B 64 0.61 -12.42 7.93
C SER B 64 1.86 -12.85 7.16
N ALA B 65 1.99 -14.15 6.97
CA ALA B 65 2.99 -14.68 6.04
C ALA B 65 2.74 -14.21 4.60
N ASP B 66 1.57 -13.63 4.33
CA ASP B 66 1.27 -13.14 2.99
C ASP B 66 1.90 -11.77 2.77
N LYS B 67 2.80 -11.39 3.68
CA LYS B 67 3.59 -10.19 3.49
C LYS B 67 2.84 -8.90 3.80
N LEU B 68 1.58 -9.02 4.19
CA LEU B 68 0.72 -7.85 4.37
C LEU B 68 0.43 -7.52 5.83
N ILE B 69 0.27 -6.23 6.12
CA ILE B 69 -0.41 -5.81 7.32
C ILE B 69 -1.84 -5.42 6.98
N LYS B 70 -2.79 -5.75 7.85
CA LYS B 70 -4.17 -5.31 7.68
C LYS B 70 -4.70 -4.63 8.95
N ILE B 71 -5.52 -3.60 8.74
CA ILE B 71 -6.12 -2.84 9.82
C ILE B 71 -7.61 -3.12 9.80
N TRP B 72 -8.18 -3.40 10.97
CA TRP B 72 -9.60 -3.71 11.11
C TRP B 72 -10.18 -2.94 12.32
N GLY B 73 -11.49 -2.65 12.27
CA GLY B 73 -12.18 -2.00 13.38
C GLY B 73 -12.24 -2.90 14.59
N ALA B 74 -11.80 -2.42 15.76
CA ALA B 74 -11.66 -3.27 16.95
C ALA B 74 -12.98 -3.78 17.50
N TYR B 75 -14.07 -3.09 17.17
CA TYR B 75 -15.36 -3.45 17.75
C TYR B 75 -16.30 -4.15 16.76
N ASP B 76 -16.11 -3.89 15.47
CA ASP B 76 -17.00 -4.47 14.45
C ASP B 76 -16.28 -5.39 13.44
N GLY B 77 -14.98 -5.59 13.64
CA GLY B 77 -14.20 -6.43 12.74
C GLY B 77 -14.28 -6.01 11.30
N LYS B 78 -14.68 -4.75 11.10
CA LYS B 78 -14.81 -4.17 9.77
C LYS B 78 -13.46 -3.78 9.19
N PHE B 79 -13.16 -4.33 8.02
CA PHE B 79 -11.89 -4.09 7.34
C PHE B 79 -11.66 -2.63 7.05
N GLU B 80 -10.45 -2.16 7.36
CA GLU B 80 -10.10 -0.74 7.21
C GLU B 80 -9.20 -0.55 5.99
N LYS B 81 -7.97 -1.05 6.08
CA LYS B 81 -7.02 -0.92 4.98
C LYS B 81 -5.97 -2.02 4.97
N THR B 82 -5.25 -2.12 3.84
CA THR B 82 -4.15 -3.06 3.71
C THR B 82 -2.88 -2.24 3.58
N ILE B 83 -1.83 -2.65 4.29
CA ILE B 83 -0.56 -1.94 4.23
C ILE B 83 0.54 -2.87 3.75
N SER B 84 1.28 -2.45 2.72
CA SER B 84 2.23 -3.34 2.06
C SER B 84 3.56 -2.67 1.73
N GLY B 85 4.54 -3.47 1.33
CA GLY B 85 5.91 -3.01 1.20
C GLY B 85 6.95 -4.06 1.53
N HIS B 86 6.70 -4.90 2.54
CA HIS B 86 7.62 -5.99 2.83
C HIS B 86 7.77 -6.93 1.63
N LYS B 87 8.97 -7.49 1.50
CA LYS B 87 9.31 -8.37 0.40
C LYS B 87 9.08 -9.83 0.78
N LEU B 88 9.14 -10.12 2.08
CA LEU B 88 8.80 -11.46 2.56
C LEU B 88 7.73 -11.42 3.67
N GLY B 89 7.33 -12.61 4.14
CA GLY B 89 6.33 -12.70 5.18
C GLY B 89 6.67 -11.90 6.41
N ILE B 90 5.65 -11.58 7.22
CA ILE B 90 5.82 -10.82 8.46
C ILE B 90 5.40 -11.63 9.69
N SER B 91 6.27 -11.67 10.70
CA SER B 91 6.04 -12.48 11.92
C SER B 91 5.40 -11.70 13.09
N ASP B 92 5.52 -10.39 13.10
CA ASP B 92 5.03 -9.59 14.20
C ASP B 92 4.71 -8.17 13.74
N VAL B 93 3.78 -7.52 14.42
CA VAL B 93 3.58 -6.10 14.22
C VAL B 93 3.36 -5.47 15.59
N ALA B 94 3.41 -4.14 15.68
CA ALA B 94 3.26 -3.48 16.98
C ALA B 94 2.98 -1.97 16.88
N TRP B 95 2.10 -1.47 17.73
CA TRP B 95 1.66 -0.08 17.70
C TRP B 95 2.53 0.84 18.54
N SER B 96 2.61 2.11 18.15
CA SER B 96 3.17 3.11 19.04
C SER B 96 2.11 3.48 20.07
N SER B 97 2.55 4.11 21.15
CA SER B 97 1.65 4.44 22.25
C SER B 97 0.48 5.30 21.78
N ASP B 98 0.70 6.14 20.77
CA ASP B 98 -0.34 7.03 20.28
C ASP B 98 -1.19 6.44 19.14
N SER B 99 -1.09 5.13 18.92
CA SER B 99 -1.92 4.46 17.93
C SER B 99 -1.73 4.93 16.46
N ASN B 100 -0.76 5.82 16.21
CA ASN B 100 -0.55 6.37 14.87
C ASN B 100 0.53 5.69 14.03
N LEU B 101 1.49 5.02 14.67
CA LEU B 101 2.56 4.33 13.95
C LEU B 101 2.51 2.84 14.17
N LEU B 102 3.20 2.10 13.31
CA LEU B 102 3.27 0.65 13.41
C LEU B 102 4.65 0.20 13.03
N VAL B 103 5.24 -0.68 13.82
CA VAL B 103 6.47 -1.32 13.40
C VAL B 103 6.18 -2.79 13.05
N SER B 104 6.78 -3.29 11.97
CA SER B 104 6.60 -4.69 11.57
C SER B 104 7.95 -5.38 11.40
N ALA B 105 7.96 -6.68 11.60
CA ALA B 105 9.21 -7.43 11.56
C ALA B 105 9.02 -8.59 10.60
N SER B 106 9.93 -8.75 9.65
CA SER B 106 9.68 -9.70 8.59
C SER B 106 10.88 -10.56 8.21
N ASP B 107 10.62 -11.60 7.42
CA ASP B 107 11.65 -12.51 6.97
C ASP B 107 12.61 -11.85 5.99
N ASP B 108 12.28 -10.64 5.55
CA ASP B 108 13.16 -9.96 4.60
C ASP B 108 14.33 -9.30 5.32
N LYS B 109 14.53 -9.69 6.58
CA LYS B 109 15.65 -9.22 7.40
C LYS B 109 15.55 -7.76 7.85
N THR B 110 14.38 -7.15 7.66
CA THR B 110 14.18 -5.77 8.09
C THR B 110 12.98 -5.56 9.01
N LEU B 111 12.92 -4.39 9.63
CA LEU B 111 11.70 -3.90 10.23
C LEU B 111 11.32 -2.63 9.46
N LYS B 112 10.02 -2.36 9.35
CA LYS B 112 9.58 -1.10 8.78
C LYS B 112 8.72 -0.34 9.77
N ILE B 113 8.82 0.99 9.72
CA ILE B 113 7.95 1.84 10.50
C ILE B 113 6.95 2.52 9.58
N TRP B 114 5.69 2.52 9.99
CA TRP B 114 4.60 2.98 9.12
C TRP B 114 3.74 4.07 9.76
N ASP B 115 3.40 5.08 8.97
CA ASP B 115 2.37 6.03 9.37
C ASP B 115 1.03 5.40 9.03
N VAL B 116 0.23 5.08 10.04
CA VAL B 116 -0.94 4.27 9.77
C VAL B 116 -1.95 4.95 8.85
N SER B 117 -2.27 6.21 9.11
CA SER B 117 -3.37 6.86 8.39
C SER B 117 -3.04 7.11 6.92
N SER B 118 -1.76 7.34 6.63
CA SER B 118 -1.33 7.59 5.26
C SER B 118 -0.94 6.29 4.59
N GLY B 119 -0.46 5.34 5.39
CA GLY B 119 -0.01 4.07 4.87
C GLY B 119 1.38 4.10 4.25
N LYS B 120 2.16 5.15 4.53
CA LYS B 120 3.51 5.24 3.97
C LYS B 120 4.56 4.68 4.91
N CYS B 121 5.57 4.07 4.33
CA CYS B 121 6.71 3.56 5.07
C CYS B 121 7.64 4.71 5.44
N LEU B 122 7.64 5.10 6.70
CA LEU B 122 8.52 6.17 7.18
C LEU B 122 9.99 5.76 7.18
N LYS B 123 10.28 4.54 7.59
CA LYS B 123 11.67 4.07 7.69
C LYS B 123 11.75 2.58 7.48
N THR B 124 12.87 2.12 6.96
CA THR B 124 13.16 0.69 6.88
C THR B 124 14.40 0.45 7.74
N LEU B 125 14.28 -0.43 8.73
CA LEU B 125 15.37 -0.66 9.66
C LEU B 125 16.22 -1.84 9.23
N LYS B 126 17.48 -1.55 8.88
CA LYS B 126 18.38 -2.58 8.37
C LYS B 126 19.54 -2.88 9.33
N GLY B 127 19.82 -4.17 9.52
CA GLY B 127 20.91 -4.57 10.41
C GLY B 127 20.92 -6.05 10.73
N HIS B 128 19.77 -6.63 11.02
CA HIS B 128 19.70 -8.05 11.30
C HIS B 128 20.19 -8.82 10.10
N SER B 129 20.74 -10.00 10.34
CA SER B 129 21.30 -10.81 9.27
C SER B 129 20.49 -12.06 9.03
N ASN B 130 19.25 -12.05 9.49
CA ASN B 130 18.31 -13.12 9.21
C ASN B 130 16.95 -12.67 9.70
N TYR B 131 15.94 -13.55 9.65
CA TYR B 131 14.57 -13.13 9.89
C TYR B 131 14.47 -12.30 11.16
N VAL B 132 13.66 -11.24 11.13
CA VAL B 132 13.26 -10.54 12.34
C VAL B 132 11.93 -11.11 12.82
N PHE B 133 11.91 -11.70 14.02
CA PHE B 133 10.77 -12.47 14.49
C PHE B 133 9.80 -11.72 15.39
N CYS B 134 10.18 -10.57 15.91
CA CYS B 134 9.37 -9.92 16.95
C CYS B 134 9.81 -8.47 17.15
N CYS B 135 8.89 -7.62 17.56
CA CYS B 135 9.23 -6.22 17.77
C CYS B 135 8.24 -5.49 18.67
N ASN B 136 8.57 -4.25 19.04
CA ASN B 136 7.79 -3.48 20.00
C ASN B 136 8.35 -2.08 20.18
N PHE B 137 7.45 -1.11 20.41
CA PHE B 137 7.84 0.22 20.84
C PHE B 137 8.04 0.25 22.36
N ASN B 138 8.90 1.16 22.84
CA ASN B 138 8.88 1.47 24.26
C ASN B 138 7.68 2.35 24.52
N PRO B 139 7.30 2.55 25.79
CA PRO B 139 6.12 3.38 26.08
C PRO B 139 6.30 4.80 25.57
N GLN B 140 7.53 5.29 25.63
CA GLN B 140 7.83 6.61 25.10
C GLN B 140 7.73 6.59 23.57
N SER B 141 7.99 5.41 22.99
CA SER B 141 7.86 5.20 21.55
C SER B 141 8.86 5.96 20.73
N ASN B 142 9.93 6.43 21.38
CA ASN B 142 11.06 6.99 20.64
C ASN B 142 12.04 5.90 20.29
N LEU B 143 11.82 4.72 20.88
CA LEU B 143 12.68 3.56 20.68
C LEU B 143 11.95 2.35 20.14
N ILE B 144 12.67 1.51 19.41
CA ILE B 144 12.11 0.24 19.01
C ILE B 144 13.06 -0.92 19.27
N VAL B 145 12.51 -2.00 19.82
CA VAL B 145 13.29 -3.18 20.11
C VAL B 145 12.85 -4.34 19.21
N SER B 146 13.83 -5.10 18.72
CA SER B 146 13.57 -6.23 17.86
C SER B 146 14.40 -7.44 18.26
N GLY B 147 13.87 -8.61 17.99
CA GLY B 147 14.61 -9.85 18.14
C GLY B 147 14.61 -10.60 16.83
N SER B 148 15.68 -11.33 16.58
CA SER B 148 15.91 -11.93 15.28
C SER B 148 16.34 -13.40 15.35
N PHE B 149 16.26 -14.04 14.20
CA PHE B 149 16.74 -15.39 14.02
C PHE B 149 18.27 -15.39 14.16
N ASP B 150 18.88 -14.24 13.94
CA ASP B 150 20.33 -14.13 14.05
C ASP B 150 20.77 -14.10 15.50
N GLU B 151 19.84 -14.40 16.40
CA GLU B 151 20.15 -14.54 17.83
C GLU B 151 20.41 -13.21 18.55
N SER B 152 20.20 -12.09 17.87
CA SER B 152 20.44 -10.79 18.48
C SER B 152 19.17 -10.03 18.85
N VAL B 153 19.31 -9.10 19.78
CA VAL B 153 18.30 -8.11 20.09
C VAL B 153 18.90 -6.73 19.78
N ARG B 154 18.18 -5.94 19.01
CA ARG B 154 18.64 -4.62 18.62
C ARG B 154 17.71 -3.53 19.16
N ILE B 155 18.28 -2.35 19.44
CA ILE B 155 17.48 -1.21 19.88
C ILE B 155 17.62 -0.12 18.84
N TRP B 156 16.49 0.35 18.31
CA TRP B 156 16.51 1.31 17.21
C TRP B 156 15.91 2.64 17.62
N ASP B 157 16.44 3.72 17.04
CA ASP B 157 15.88 5.04 17.21
C ASP B 157 14.76 5.26 16.20
N VAL B 158 13.54 5.53 16.68
CA VAL B 158 12.39 5.74 15.80
C VAL B 158 12.64 6.83 14.76
N LYS B 159 13.11 8.00 15.20
CA LYS B 159 13.22 9.16 14.30
C LYS B 159 14.19 8.97 13.13
N THR B 160 15.37 8.43 13.42
CA THR B 160 16.43 8.31 12.42
C THR B 160 16.41 6.97 11.67
N GLY B 161 15.89 5.93 12.31
CA GLY B 161 15.95 4.59 11.77
C GLY B 161 17.26 3.88 12.11
N LYS B 162 18.10 4.54 12.90
CA LYS B 162 19.43 4.01 13.16
C LYS B 162 19.42 3.02 14.33
N CYS B 163 20.23 1.98 14.22
CA CYS B 163 20.35 0.99 15.28
C CYS B 163 21.26 1.51 16.38
N LEU B 164 20.70 1.68 17.57
CA LEU B 164 21.44 2.28 18.67
C LEU B 164 22.37 1.29 19.38
N LYS B 165 21.85 0.11 19.68
CA LYS B 165 22.63 -0.92 20.35
C LYS B 165 22.30 -2.27 19.75
N THR B 166 23.28 -3.16 19.75
CA THR B 166 23.08 -4.55 19.37
C THR B 166 23.51 -5.39 20.54
N LEU B 167 22.55 -6.08 21.16
CA LEU B 167 22.81 -6.93 22.31
C LEU B 167 23.00 -8.38 21.87
N PRO B 168 24.06 -9.03 22.38
CA PRO B 168 24.38 -10.43 22.08
C PRO B 168 23.55 -11.32 22.98
N ALA B 169 22.24 -11.32 22.77
CA ALA B 169 21.28 -11.79 23.77
C ALA B 169 21.18 -13.30 23.96
N HIS B 170 21.36 -14.07 22.90
CA HIS B 170 21.07 -15.50 23.01
C HIS B 170 21.92 -16.29 22.06
N SER B 171 21.87 -17.60 22.22
CA SER B 171 22.62 -18.51 21.37
C SER B 171 21.67 -19.29 20.47
N ASP B 172 20.45 -18.75 20.29
CA ASP B 172 19.43 -19.31 19.39
C ASP B 172 18.44 -18.22 18.99
N PRO B 173 17.48 -18.54 18.11
CA PRO B 173 16.61 -17.44 17.69
C PRO B 173 15.83 -16.82 18.85
N VAL B 174 15.60 -15.52 18.75
CA VAL B 174 14.86 -14.76 19.76
C VAL B 174 13.37 -14.74 19.44
N SER B 175 12.58 -15.27 20.37
CA SER B 175 11.15 -15.51 20.14
C SER B 175 10.24 -14.32 20.45
N ALA B 176 10.59 -13.57 21.49
CA ALA B 176 9.81 -12.39 21.84
C ALA B 176 10.71 -11.28 22.40
N VAL B 177 10.23 -10.05 22.41
CA VAL B 177 10.96 -8.96 23.06
C VAL B 177 9.95 -7.92 23.47
N HIS B 178 10.19 -7.29 24.62
CA HIS B 178 9.18 -6.43 25.21
C HIS B 178 9.80 -5.43 26.20
N PHE B 179 9.27 -4.20 26.24
CA PHE B 179 9.70 -3.20 27.19
C PHE B 179 8.79 -3.27 28.39
N ASN B 180 9.31 -3.01 29.58
CA ASN B 180 8.46 -2.88 30.75
C ASN B 180 7.74 -1.53 30.76
N ARG B 181 6.86 -1.35 31.75
CA ARG B 181 5.96 -0.22 31.79
C ARG B 181 6.63 1.14 31.56
N ASP B 182 7.94 1.22 31.74
CA ASP B 182 8.59 2.54 31.68
C ASP B 182 9.79 2.59 30.77
N GLY B 183 10.02 1.53 30.02
CA GLY B 183 11.07 1.51 29.00
C GLY B 183 12.47 1.29 29.55
N SER B 184 12.59 1.21 30.86
CA SER B 184 13.89 1.04 31.51
C SER B 184 14.43 -0.36 31.29
N LEU B 185 13.53 -1.33 31.27
CA LEU B 185 13.92 -2.72 31.06
C LEU B 185 13.36 -3.31 29.78
N ILE B 186 14.16 -4.17 29.16
CA ILE B 186 13.67 -5.03 28.09
C ILE B 186 13.79 -6.46 28.58
N VAL B 187 12.74 -7.25 28.35
CA VAL B 187 12.80 -8.69 28.56
C VAL B 187 12.86 -9.38 27.19
N SER B 188 13.53 -10.54 27.13
CA SER B 188 13.65 -11.27 25.86
C SER B 188 13.66 -12.78 26.09
N SER B 189 13.12 -13.53 25.13
CA SER B 189 13.01 -14.97 25.28
C SER B 189 13.64 -15.62 24.06
N SER B 190 14.04 -16.88 24.19
CA SER B 190 14.74 -17.55 23.10
C SER B 190 14.60 -19.08 23.09
N TYR B 191 14.81 -19.67 21.93
CA TYR B 191 14.79 -21.12 21.86
C TYR B 191 15.93 -21.72 22.68
N ASP B 192 16.94 -20.90 23.02
CA ASP B 192 18.06 -21.42 23.82
C ASP B 192 17.62 -21.79 25.23
N GLY B 193 16.40 -21.41 25.58
CA GLY B 193 15.82 -21.80 26.85
C GLY B 193 15.80 -20.71 27.91
N LEU B 194 16.27 -19.53 27.54
CA LEU B 194 16.45 -18.43 28.50
C LEU B 194 15.47 -17.30 28.32
N CYS B 195 15.14 -16.63 29.41
CA CYS B 195 14.58 -15.29 29.39
C CYS B 195 15.62 -14.42 30.03
N ARG B 196 15.87 -13.26 29.43
CA ARG B 196 16.84 -12.33 29.99
C ARG B 196 16.26 -10.95 30.16
N ILE B 197 16.65 -10.28 31.24
CA ILE B 197 16.25 -8.89 31.43
C ILE B 197 17.45 -7.99 31.16
N TRP B 198 17.22 -6.95 30.36
CA TRP B 198 18.26 -6.05 29.93
C TRP B 198 17.95 -4.63 30.38
N ASP B 199 18.98 -3.90 30.76
CA ASP B 199 18.87 -2.48 31.04
C ASP B 199 18.89 -1.68 29.73
N THR B 200 17.79 -1.02 29.41
CA THR B 200 17.69 -0.28 28.15
C THR B 200 18.81 0.75 27.99
N ALA B 201 19.10 1.48 29.05
CA ALA B 201 20.10 2.54 28.97
C ALA B 201 21.45 2.01 28.50
N SER B 202 21.94 0.99 29.19
CA SER B 202 23.32 0.52 29.03
C SER B 202 23.43 -0.71 28.14
N GLY B 203 22.31 -1.39 27.93
CA GLY B 203 22.31 -2.62 27.17
C GLY B 203 22.95 -3.76 27.96
N GLN B 204 22.89 -3.66 29.28
CA GLN B 204 23.48 -4.67 30.14
C GLN B 204 22.49 -5.74 30.57
N CYS B 205 22.95 -6.98 30.57
CA CYS B 205 22.13 -8.09 31.01
C CYS B 205 22.00 -8.05 32.53
N LEU B 206 20.81 -7.74 33.03
CA LEU B 206 20.59 -7.73 34.49
C LEU B 206 20.23 -9.08 35.11
N LYS B 207 19.56 -9.94 34.36
CA LYS B 207 19.10 -11.22 34.88
C LYS B 207 18.92 -12.31 33.82
N THR B 208 19.22 -13.54 34.21
CA THR B 208 18.93 -14.69 33.37
C THR B 208 18.08 -15.68 34.12
N LEU B 209 16.88 -15.92 33.59
CA LEU B 209 15.93 -16.80 34.23
C LEU B 209 16.23 -18.25 33.95
N ILE B 210 16.53 -18.99 35.01
CA ILE B 210 16.84 -20.40 34.92
C ILE B 210 15.79 -21.24 35.65
N ASP B 211 15.17 -22.16 34.93
CA ASP B 211 14.24 -23.09 35.52
C ASP B 211 15.01 -24.37 35.81
N ASP B 212 14.29 -25.49 35.87
CA ASP B 212 14.93 -26.76 36.16
C ASP B 212 15.42 -27.45 34.89
N ASP B 213 14.75 -27.19 33.77
CA ASP B 213 15.02 -27.95 32.56
C ASP B 213 15.22 -27.09 31.31
N ASN B 214 15.04 -25.78 31.46
CA ASN B 214 15.24 -24.85 30.34
C ASN B 214 14.72 -25.28 28.95
N PRO B 215 13.41 -25.54 28.83
CA PRO B 215 12.77 -25.78 27.51
C PRO B 215 12.85 -24.53 26.64
N PRO B 216 12.91 -24.70 25.32
CA PRO B 216 12.90 -23.52 24.46
C PRO B 216 11.78 -22.59 24.88
N VAL B 217 12.08 -21.30 25.05
CA VAL B 217 11.08 -20.32 25.42
C VAL B 217 10.56 -19.61 24.16
N SER B 218 9.26 -19.77 23.90
CA SER B 218 8.70 -19.35 22.62
C SER B 218 7.93 -18.03 22.74
N PHE B 219 7.79 -17.53 23.95
CA PHE B 219 7.15 -16.24 24.12
C PHE B 219 7.43 -15.67 25.50
N VAL B 220 7.56 -14.35 25.59
CA VAL B 220 7.63 -13.69 26.88
C VAL B 220 7.08 -12.26 26.85
N LYS B 221 6.43 -11.85 27.94
CA LYS B 221 6.06 -10.44 28.09
C LYS B 221 5.91 -10.03 29.55
N PHE B 222 6.09 -8.74 29.82
CA PHE B 222 5.83 -8.18 31.14
C PHE B 222 4.34 -8.11 31.46
N SER B 223 4.05 -8.19 32.75
CA SER B 223 2.73 -7.86 33.27
C SER B 223 2.61 -6.35 33.15
N PRO B 224 1.37 -5.83 33.22
CA PRO B 224 1.17 -4.39 33.03
C PRO B 224 1.94 -3.53 34.03
N ASN B 225 2.13 -4.00 35.26
CA ASN B 225 2.86 -3.20 36.24
C ASN B 225 4.36 -3.40 36.10
N GLY B 226 4.74 -4.40 35.31
CA GLY B 226 6.13 -4.64 34.98
C GLY B 226 6.88 -5.37 36.08
N LYS B 227 6.12 -5.94 37.02
CA LYS B 227 6.72 -6.62 38.16
C LYS B 227 6.91 -8.10 37.88
N TYR B 228 6.05 -8.65 37.02
CA TYR B 228 6.10 -10.07 36.71
C TYR B 228 6.28 -10.25 35.21
N ILE B 229 6.65 -11.46 34.79
CA ILE B 229 6.81 -11.74 33.38
C ILE B 229 6.16 -13.09 33.07
N LEU B 230 5.41 -13.13 31.97
CA LEU B 230 4.74 -14.34 31.55
C LEU B 230 5.58 -14.94 30.45
N ALA B 231 5.90 -16.22 30.55
CA ALA B 231 6.67 -16.89 29.51
C ALA B 231 6.03 -18.20 29.12
N ALA B 232 6.22 -18.60 27.88
CA ALA B 232 5.66 -19.86 27.38
C ALA B 232 6.81 -20.77 26.98
N THR B 233 6.69 -22.04 27.30
CA THR B 233 7.74 -22.98 26.92
C THR B 233 7.17 -24.10 26.08
N LEU B 234 7.97 -24.56 25.12
CA LEU B 234 7.56 -25.56 24.17
C LEU B 234 7.40 -26.94 24.82
N ASP B 235 6.95 -26.95 26.07
CA ASP B 235 6.55 -28.19 26.73
C ASP B 235 5.17 -28.03 27.36
N ASN B 236 4.30 -27.32 26.64
CA ASN B 236 2.89 -27.20 27.01
C ASN B 236 2.68 -26.45 28.31
N THR B 237 3.58 -25.51 28.59
CA THR B 237 3.56 -24.81 29.87
C THR B 237 3.72 -23.30 29.71
N LEU B 238 2.88 -22.56 30.44
CA LEU B 238 3.07 -21.13 30.66
C LEU B 238 3.44 -20.95 32.15
N LYS B 239 4.30 -19.99 32.44
CA LYS B 239 4.73 -19.72 33.80
C LYS B 239 4.69 -18.23 34.10
N LEU B 240 4.31 -17.89 35.32
CA LEU B 240 4.40 -16.52 35.80
C LEU B 240 5.62 -16.37 36.75
N TRP B 241 6.54 -15.47 36.42
CA TRP B 241 7.77 -15.32 37.17
C TRP B 241 7.83 -13.99 37.92
N ASP B 242 8.29 -14.02 39.17
CA ASP B 242 8.69 -12.79 39.86
C ASP B 242 10.09 -12.47 39.36
N TYR B 243 10.21 -11.45 38.52
CA TYR B 243 11.45 -11.21 37.79
C TYR B 243 12.65 -10.88 38.72
N SER B 244 12.42 -10.08 39.75
CA SER B 244 13.48 -9.74 40.69
C SER B 244 14.01 -10.97 41.46
N LYS B 245 13.16 -11.56 42.30
CA LYS B 245 13.49 -12.79 43.01
C LYS B 245 13.87 -13.93 42.06
N GLY B 246 13.61 -13.75 40.77
CA GLY B 246 13.80 -14.81 39.80
C GLY B 246 13.09 -16.07 40.26
N LYS B 247 11.85 -15.93 40.70
CA LYS B 247 11.07 -17.04 41.23
C LYS B 247 9.81 -17.31 40.41
N CYS B 248 9.71 -18.53 39.86
CA CYS B 248 8.46 -18.95 39.21
C CYS B 248 7.39 -19.12 40.29
N LEU B 249 6.14 -18.82 39.95
CA LEU B 249 5.07 -18.77 40.95
C LEU B 249 3.85 -19.58 40.54
N LYS B 250 3.08 -19.02 39.61
CA LYS B 250 1.95 -19.72 39.04
C LYS B 250 2.41 -20.52 37.84
N THR B 251 1.67 -21.57 37.54
CA THR B 251 1.93 -22.37 36.36
C THR B 251 0.59 -22.70 35.72
N TYR B 252 0.52 -22.61 34.40
CA TYR B 252 -0.73 -22.86 33.68
C TYR B 252 -0.50 -23.91 32.60
N THR B 253 -1.25 -25.00 32.68
CA THR B 253 -1.14 -26.06 31.69
C THR B 253 -2.51 -26.51 31.25
N GLY B 254 -2.54 -27.52 30.39
CA GLY B 254 -3.82 -28.03 29.88
C GLY B 254 -3.94 -27.82 28.39
N HIS B 255 -3.33 -26.74 27.90
CA HIS B 255 -3.36 -26.41 26.47
C HIS B 255 -2.25 -27.15 25.74
N LYS B 256 -1.96 -26.74 24.51
CA LYS B 256 -0.96 -27.47 23.73
C LYS B 256 0.01 -26.53 22.99
N ASN B 257 1.29 -26.61 23.37
CA ASN B 257 2.32 -25.77 22.75
C ASN B 257 3.67 -26.48 22.72
N GLU B 258 4.06 -26.96 21.55
CA GLU B 258 5.27 -27.76 21.42
C GLU B 258 6.03 -27.47 20.16
N LYS B 259 5.54 -26.51 19.37
CA LYS B 259 6.20 -26.21 18.10
C LYS B 259 6.19 -24.73 17.71
N TYR B 260 5.06 -24.07 17.94
CA TYR B 260 4.92 -22.70 17.47
C TYR B 260 5.02 -21.71 18.63
N CYS B 261 5.45 -20.50 18.28
CA CYS B 261 5.49 -19.41 19.23
C CYS B 261 4.11 -18.77 19.27
N ILE B 262 3.37 -19.10 20.32
CA ILE B 262 2.02 -18.61 20.50
C ILE B 262 2.03 -17.44 21.49
N PHE B 263 1.49 -16.30 21.06
CA PHE B 263 1.42 -15.13 21.93
CA PHE B 263 1.40 -15.10 21.90
C PHE B 263 0.41 -15.36 23.03
N ALA B 264 0.75 -14.98 24.26
CA ALA B 264 -0.17 -15.12 25.39
C ALA B 264 -0.36 -13.79 26.10
N ASN B 265 -1.35 -13.69 26.98
CA ASN B 265 -1.76 -12.40 27.51
C ASN B 265 -2.20 -12.38 28.96
N PHE B 266 -2.06 -11.21 29.58
CA PHE B 266 -2.75 -10.89 30.80
C PHE B 266 -4.03 -10.22 30.39
N SER B 267 -5.16 -10.78 30.81
CA SER B 267 -6.45 -10.15 30.57
C SER B 267 -6.92 -9.55 31.89
N VAL B 268 -7.20 -8.25 31.89
CA VAL B 268 -7.43 -7.59 33.16
C VAL B 268 -8.51 -6.53 33.14
N THR B 269 -9.39 -6.59 32.15
CA THR B 269 -10.41 -5.57 31.99
C THR B 269 -11.66 -5.93 32.77
N GLY B 270 -11.87 -7.23 32.95
CA GLY B 270 -12.97 -7.75 33.74
C GLY B 270 -12.35 -8.48 34.93
N GLY B 271 -12.43 -9.80 34.92
CA GLY B 271 -11.72 -10.59 35.91
C GLY B 271 -10.22 -10.50 35.67
N LYS B 272 -9.48 -11.48 36.18
CA LYS B 272 -8.05 -11.57 35.87
C LYS B 272 -7.77 -12.95 35.29
N TRP B 273 -7.38 -13.00 34.03
CA TRP B 273 -7.15 -14.28 33.38
C TRP B 273 -5.87 -14.32 32.57
N ILE B 274 -5.55 -15.50 32.08
CA ILE B 274 -4.43 -15.67 31.17
C ILE B 274 -4.97 -16.33 29.90
N VAL B 275 -4.81 -15.63 28.79
CA VAL B 275 -5.30 -16.07 27.50
C VAL B 275 -4.13 -16.58 26.67
N SER B 276 -4.27 -17.74 26.07
CA SER B 276 -3.26 -18.19 25.11
C SER B 276 -3.86 -18.88 23.89
N GLY B 277 -3.18 -18.76 22.76
CA GLY B 277 -3.48 -19.58 21.60
C GLY B 277 -3.15 -21.01 21.98
N SER B 278 -3.32 -21.94 21.04
CA SER B 278 -3.05 -23.35 21.31
C SER B 278 -3.06 -24.20 20.04
N GLU B 279 -2.10 -25.10 19.92
CA GLU B 279 -2.00 -25.98 18.77
C GLU B 279 -3.14 -27.00 18.65
N ASP B 280 -4.15 -26.89 19.52
CA ASP B 280 -5.34 -27.73 19.33
C ASP B 280 -6.51 -26.91 18.79
N ASN B 281 -6.20 -25.78 18.17
CA ASN B 281 -7.23 -24.99 17.52
C ASN B 281 -8.15 -24.25 18.51
N LEU B 282 -7.92 -24.45 19.80
CA LEU B 282 -8.71 -23.75 20.81
C LEU B 282 -7.97 -22.55 21.39
N VAL B 283 -8.72 -21.57 21.86
CA VAL B 283 -8.20 -20.50 22.71
C VAL B 283 -8.48 -20.88 24.15
N TYR B 284 -7.45 -20.90 25.01
CA TYR B 284 -7.60 -21.30 26.41
C TYR B 284 -7.63 -20.09 27.34
N ILE B 285 -8.51 -20.11 28.34
CA ILE B 285 -8.52 -19.05 29.33
C ILE B 285 -8.34 -19.61 30.76
N TRP B 286 -7.47 -18.98 31.55
CA TRP B 286 -7.16 -19.45 32.91
C TRP B 286 -7.54 -18.44 33.97
N ASN B 287 -7.89 -18.93 35.15
CA ASN B 287 -7.97 -18.05 36.30
C ASN B 287 -6.54 -17.70 36.70
N LEU B 288 -6.23 -16.42 36.77
CA LEU B 288 -4.86 -16.00 37.09
C LEU B 288 -4.35 -16.67 38.37
N GLN B 289 -5.19 -16.69 39.39
CA GLN B 289 -4.81 -17.14 40.72
C GLN B 289 -4.83 -18.66 40.91
N THR B 290 -5.97 -19.29 40.60
CA THR B 290 -6.13 -20.72 40.80
C THR B 290 -5.34 -21.55 39.78
N LYS B 291 -5.07 -20.95 38.62
CA LYS B 291 -4.44 -21.67 37.51
C LYS B 291 -5.36 -22.73 36.92
N GLU B 292 -6.65 -22.60 37.16
CA GLU B 292 -7.61 -23.49 36.54
C GLU B 292 -8.15 -22.93 35.23
N ILE B 293 -8.41 -23.82 34.29
CA ILE B 293 -9.04 -23.43 33.04
C ILE B 293 -10.47 -22.99 33.29
N VAL B 294 -10.77 -21.73 32.99
CA VAL B 294 -12.12 -21.23 33.16
C VAL B 294 -12.91 -21.13 31.84
N GLN B 295 -12.24 -21.31 30.71
CA GLN B 295 -12.94 -21.34 29.42
C GLN B 295 -12.07 -21.83 28.26
N LYS B 296 -12.70 -22.40 27.24
CA LYS B 296 -11.99 -22.77 26.01
C LYS B 296 -12.85 -22.48 24.80
N LEU B 297 -12.36 -21.60 23.93
CA LEU B 297 -13.14 -21.08 22.82
C LEU B 297 -12.94 -21.88 21.53
N GLN B 298 -13.98 -22.58 21.11
CA GLN B 298 -13.95 -23.31 19.84
C GLN B 298 -14.36 -22.42 18.66
N GLY B 299 -13.83 -22.73 17.47
CA GLY B 299 -14.15 -21.97 16.28
C GLY B 299 -13.09 -22.08 15.19
N HIS B 300 -11.83 -22.04 15.56
CA HIS B 300 -10.76 -22.05 14.57
C HIS B 300 -10.54 -23.46 14.01
N THR B 301 -9.80 -23.56 12.92
CA THR B 301 -9.62 -24.83 12.24
C THR B 301 -8.16 -25.14 12.04
N ASP B 302 -7.30 -24.28 12.57
CA ASP B 302 -5.86 -24.53 12.63
C ASP B 302 -5.28 -23.91 13.89
N VAL B 303 -4.01 -24.19 14.13
CA VAL B 303 -3.31 -23.69 15.30
C VAL B 303 -3.65 -22.23 15.55
N VAL B 304 -3.94 -21.89 16.81
CA VAL B 304 -4.15 -20.51 17.19
C VAL B 304 -2.83 -19.91 17.66
N ILE B 305 -2.24 -19.11 16.77
CA ILE B 305 -0.87 -18.65 16.88
C ILE B 305 -0.70 -17.42 17.76
N SER B 306 -1.77 -16.67 17.96
CA SER B 306 -1.69 -15.36 18.58
C SER B 306 -3.03 -14.89 19.11
N THR B 307 -3.00 -14.23 20.26
CA THR B 307 -4.18 -13.65 20.85
C THR B 307 -3.88 -12.26 21.39
N ALA B 308 -4.90 -11.43 21.52
CA ALA B 308 -4.69 -10.15 22.17
C ALA B 308 -5.93 -9.74 22.93
N CYS B 309 -5.74 -8.83 23.88
CA CYS B 309 -6.82 -8.39 24.74
C CYS B 309 -7.03 -6.88 24.62
N HIS B 310 -8.28 -6.48 24.44
CA HIS B 310 -8.62 -5.07 24.26
C HIS B 310 -8.24 -4.30 25.51
N PRO B 311 -7.71 -3.07 25.33
CA PRO B 311 -7.20 -2.32 26.48
C PRO B 311 -8.26 -2.02 27.53
N THR B 312 -9.52 -1.90 27.13
CA THR B 312 -10.56 -1.45 28.05
C THR B 312 -11.79 -2.36 28.11
N GLU B 313 -12.14 -2.95 26.97
CA GLU B 313 -13.29 -3.84 26.86
C GLU B 313 -12.90 -5.30 27.02
N ASN B 314 -13.83 -6.12 27.50
CA ASN B 314 -13.63 -7.57 27.56
C ASN B 314 -13.69 -8.21 26.18
N ILE B 315 -12.80 -7.78 25.29
CA ILE B 315 -12.75 -8.33 23.95
C ILE B 315 -11.42 -9.04 23.73
N ILE B 316 -11.51 -10.23 23.17
CA ILE B 316 -10.34 -11.00 22.80
C ILE B 316 -10.26 -11.18 21.28
N ALA B 317 -9.08 -10.89 20.71
CA ALA B 317 -8.82 -11.16 19.29
C ALA B 317 -7.91 -12.39 19.12
N SER B 318 -8.30 -13.29 18.21
CA SER B 318 -7.52 -14.50 17.98
C SER B 318 -7.23 -14.69 16.50
N ALA B 319 -6.13 -15.36 16.18
CA ALA B 319 -5.75 -15.52 14.79
C ALA B 319 -5.10 -16.89 14.53
N ALA B 320 -5.25 -17.40 13.32
CA ALA B 320 -4.89 -18.79 13.03
C ALA B 320 -3.96 -18.99 11.84
N LEU B 321 -3.40 -20.20 11.76
CA LEU B 321 -2.37 -20.55 10.79
C LEU B 321 -2.98 -20.92 9.45
N GLU B 322 -2.15 -21.47 8.56
CA GLU B 322 -2.42 -21.53 7.12
C GLU B 322 -3.77 -22.13 6.72
N ASN B 323 -4.20 -23.20 7.40
CA ASN B 323 -5.45 -23.89 7.04
C ASN B 323 -6.74 -23.19 7.49
N ASP B 324 -6.60 -22.05 8.14
CA ASP B 324 -7.75 -21.28 8.60
C ASP B 324 -7.69 -19.85 8.04
N LYS B 325 -6.61 -19.13 8.34
CA LYS B 325 -6.38 -17.77 7.86
C LYS B 325 -7.33 -16.70 8.41
N THR B 326 -8.22 -17.07 9.31
CA THR B 326 -9.15 -16.10 9.89
C THR B 326 -8.75 -15.55 11.28
N ILE B 327 -9.27 -14.36 11.56
CA ILE B 327 -9.10 -13.67 12.81
C ILE B 327 -10.48 -13.55 13.43
N LYS B 328 -10.64 -13.98 14.67
CA LYS B 328 -11.94 -13.97 15.34
C LYS B 328 -11.93 -13.02 16.52
N LEU B 329 -13.08 -12.42 16.80
CA LEU B 329 -13.23 -11.49 17.91
C LEU B 329 -14.32 -12.02 18.82
N TRP B 330 -13.98 -12.19 20.09
CA TRP B 330 -14.90 -12.70 21.09
C TRP B 330 -15.09 -11.66 22.18
N LYS B 331 -16.25 -11.69 22.82
CA LYS B 331 -16.57 -10.70 23.85
C LYS B 331 -17.27 -11.39 25.02
N SER B 332 -17.08 -10.82 26.20
CA SER B 332 -17.65 -11.40 27.42
C SER B 332 -18.10 -10.28 28.34
N ASP B 333 -18.94 -10.63 29.32
CA ASP B 333 -19.39 -9.66 30.32
C ASP B 333 -18.44 -9.62 31.53
N CYS B 334 -17.90 -10.77 31.88
CA CYS B 334 -16.96 -10.88 32.98
C CYS B 334 -15.52 -10.77 32.46
N ASP C 5 -2.49 25.65 -41.34
CA ASP C 5 -2.74 26.65 -42.37
C ASP C 5 -3.19 28.01 -41.79
N GLU C 6 -4.28 27.97 -41.02
CA GLU C 6 -4.81 29.17 -40.40
C GLU C 6 -4.77 29.03 -38.88
N GLU C 7 -4.76 30.16 -38.18
CA GLU C 7 -4.76 30.17 -36.72
C GLU C 7 -5.83 29.23 -36.15
N VAL C 8 -5.52 28.62 -35.01
CA VAL C 8 -6.44 27.72 -34.31
C VAL C 8 -6.38 27.99 -32.82
N ASP C 9 -7.51 28.35 -32.23
CA ASP C 9 -7.56 28.62 -30.81
C ASP C 9 -8.08 27.40 -30.06
N VAL C 10 -7.25 26.91 -29.13
CA VAL C 10 -7.42 25.61 -28.51
C VAL C 10 -7.83 25.74 -27.05
N THR C 11 -7.76 26.96 -26.52
CA THR C 11 -8.01 27.19 -25.10
C THR C 11 -9.30 27.98 -24.87
N SER C 12 -9.72 28.73 -25.89
CA SER C 12 -10.90 29.58 -25.75
C SER C 12 -12.17 28.76 -25.73
N VAL C 13 -13.02 29.01 -24.75
CA VAL C 13 -14.33 28.39 -24.72
C VAL C 13 -15.41 29.46 -24.80
N ASP C 14 -15.98 29.61 -25.99
CA ASP C 14 -16.93 30.68 -26.25
C ASP C 14 -18.37 30.18 -26.14
N ASP D 5 0.04 -20.22 44.12
CA ASP D 5 -0.06 -20.51 45.55
C ASP D 5 -0.72 -19.38 46.35
N GLU D 6 -0.15 -18.17 46.24
CA GLU D 6 -0.68 -17.00 46.93
C GLU D 6 -1.09 -15.94 45.91
N GLU D 7 -1.99 -15.05 46.32
CA GLU D 7 -2.45 -13.96 45.47
C GLU D 7 -1.28 -13.24 44.80
N VAL D 8 -1.48 -12.82 43.56
CA VAL D 8 -0.50 -11.98 42.87
C VAL D 8 -1.15 -10.85 42.09
N ASP D 9 -0.73 -9.62 42.38
CA ASP D 9 -1.30 -8.45 41.77
C ASP D 9 -0.44 -7.99 40.59
N VAL D 10 -1.01 -8.05 39.38
CA VAL D 10 -0.24 -7.75 38.17
C VAL D 10 -0.52 -6.38 37.57
N THR D 11 -1.47 -5.65 38.13
CA THR D 11 -1.88 -4.38 37.54
C THR D 11 -1.47 -3.21 38.41
N SER D 12 -1.28 -3.48 39.70
CA SER D 12 -0.98 -2.42 40.65
C SER D 12 0.43 -1.93 40.48
N VAL D 13 0.60 -0.63 40.35
CA VAL D 13 1.94 -0.05 40.34
C VAL D 13 2.11 0.87 41.56
N ASP D 14 2.80 0.36 42.57
CA ASP D 14 2.92 1.08 43.83
C ASP D 14 4.25 1.85 43.89
#